data_3Q2S
#
_entry.id   3Q2S
#
_cell.length_a   139.323
_cell.length_b   139.323
_cell.length_c   139.323
_cell.angle_alpha   90.000
_cell.angle_beta   90.000
_cell.angle_gamma   90.000
#
_symmetry.space_group_name_H-M   'P 21 3'
#
loop_
_entity.id
_entity.type
_entity.pdbx_description
1 polymer 'Cleavage and polyadenylation specificity factor subunit 5'
2 polymer 'Cleavage and polyadenylation specificity factor subunit 6'
3 water water
#
loop_
_entity_poly.entity_id
_entity_poly.type
_entity_poly.pdbx_seq_one_letter_code
_entity_poly.pdbx_strand_id
1 'polypeptide(L)'
;GNKYIQQTKPLTLERTINLYPLTNYTFGTKEPLYEKDSSVAARFQRMREEFDKIGMRRTVEGVLIVHEHRLPHVLLLQLG
TTFFKLPGGELNPGEDEVEGLKRLMTEILGRQDGVLQDWVIDDCIGNWWRPNFEPPQYPYIPAHITKPKEHKKLFLVQLQ
EKALFAVPKNYKLVAAPLFELYDNAPGYGPIISSLPQLLSRFNFIYN
;
A,B
2 'polypeptide(L)'
;DVGEEFNQEAEYGGHDQIDLYDDVISPSANNGDAPEDRDYMDTLPPTVGDDVGKGAAPNVVYTYTGKRIALYIGNLTWWT
TDEDLTEAVHSLGVNDILEIKFFENRANGQSKGFALVGVGSEASSKKLMDLLPKRELHGQNPVVTPVNKQFLSQFEMQSR
KTTQSGQMSGEGKAGPPGGSSRAAFPQGGRGRGRFPGAVPGGDRFPGPAGPGGPPPPFPAGQTHHHHHH
;
C,D
#
# COMPACT_ATOMS: atom_id res chain seq x y z
N GLY A 1 41.34 -4.39 -10.56
CA GLY A 1 41.59 -2.96 -10.68
C GLY A 1 40.58 -2.25 -11.55
N ASN A 2 39.92 -2.99 -12.42
CA ASN A 2 38.92 -2.41 -13.31
C ASN A 2 37.50 -2.75 -12.88
N LYS A 3 36.63 -1.75 -12.87
CA LYS A 3 35.26 -1.94 -12.40
C LYS A 3 34.44 -2.91 -13.26
N TYR A 4 33.63 -3.72 -12.60
CA TYR A 4 32.70 -4.60 -13.29
C TYR A 4 31.36 -3.91 -13.42
N ILE A 5 30.87 -3.88 -14.65
CA ILE A 5 29.57 -3.29 -14.92
C ILE A 5 28.46 -4.13 -14.33
N GLN A 6 27.59 -3.47 -13.57
CA GLN A 6 26.45 -4.14 -12.98
C GLN A 6 25.42 -4.39 -14.08
N GLN A 7 25.29 -5.65 -14.45
CA GLN A 7 24.34 -6.07 -15.46
C GLN A 7 22.92 -5.68 -15.05
N THR A 8 22.06 -5.48 -16.04
CA THR A 8 20.68 -5.11 -15.75
C THR A 8 19.98 -6.24 -15.01
N LYS A 9 19.04 -5.87 -14.16
CA LYS A 9 18.22 -6.84 -13.46
C LYS A 9 16.89 -6.99 -14.17
N PRO A 10 16.15 -8.06 -13.83
CA PRO A 10 14.83 -8.27 -14.44
C PRO A 10 13.87 -7.15 -14.07
N LEU A 11 13.06 -6.72 -15.03
CA LEU A 11 12.12 -5.65 -14.76
C LEU A 11 11.20 -5.98 -13.58
N THR A 12 11.02 -7.27 -13.34
CA THR A 12 10.06 -7.72 -12.33
C THR A 12 10.71 -7.74 -10.96
N LEU A 13 12.03 -7.52 -10.93
CA LEU A 13 12.78 -7.65 -9.68
C LEU A 13 13.37 -6.32 -9.19
N GLU A 14 13.66 -5.43 -10.13
CA GLU A 14 14.10 -4.09 -9.76
C GLU A 14 13.78 -3.14 -10.89
N ARG A 15 12.90 -2.19 -10.62
CA ARG A 15 12.55 -1.16 -11.58
C ARG A 15 13.18 0.15 -11.18
N THR A 16 14.29 0.49 -11.83
CA THR A 16 14.88 1.80 -11.59
C THR A 16 14.06 2.83 -12.34
N ILE A 17 13.74 3.93 -11.66
CA ILE A 17 12.85 4.97 -12.20
C ILE A 17 13.46 6.36 -12.01
N ASN A 18 13.44 7.17 -13.08
CA ASN A 18 14.12 8.46 -13.06
C ASN A 18 13.27 9.63 -12.63
N LEU A 19 13.67 10.22 -11.50
CA LEU A 19 12.97 11.34 -10.91
C LEU A 19 13.74 12.62 -11.14
N TYR A 20 13.00 13.70 -11.33
CA TYR A 20 13.62 15.00 -11.56
C TYR A 20 13.05 16.08 -10.64
N PRO A 21 13.83 17.13 -10.41
CA PRO A 21 13.44 18.27 -9.57
C PRO A 21 12.16 18.91 -10.08
N LEU A 22 11.25 19.26 -9.17
CA LEU A 22 9.98 19.87 -9.54
C LEU A 22 10.21 21.07 -10.46
N THR A 23 11.31 21.78 -10.21
CA THR A 23 11.69 22.96 -11.00
C THR A 23 11.90 22.63 -12.48
N ASN A 24 12.42 21.45 -12.80
CA ASN A 24 12.52 21.00 -14.19
C ASN A 24 11.16 21.02 -14.87
N TYR A 25 10.11 21.09 -14.08
CA TYR A 25 8.77 21.05 -14.62
C TYR A 25 8.06 22.38 -14.43
N THR A 26 7.63 22.92 -15.57
CA THR A 26 6.95 24.20 -15.64
C THR A 26 5.46 23.98 -15.91
N PHE A 27 4.61 24.76 -15.25
CA PHE A 27 3.18 24.49 -15.25
C PHE A 27 2.33 25.72 -15.54
N GLY A 28 1.76 25.75 -16.74
CA GLY A 28 0.89 26.84 -17.16
C GLY A 28 -0.56 26.57 -16.83
N THR A 29 -1.47 27.32 -17.47
CA THR A 29 -2.91 27.17 -17.23
C THR A 29 -3.70 26.99 -18.51
N LYS A 30 -4.99 26.68 -18.36
CA LYS A 30 -5.89 26.43 -19.49
C LYS A 30 -7.34 26.52 -19.03
N GLU A 31 -8.26 26.21 -19.95
CA GLU A 31 -9.70 26.37 -19.70
C GLU A 31 -10.19 25.58 -18.49
N PRO A 32 -10.84 26.25 -17.55
CA PRO A 32 -11.33 25.60 -16.33
C PRO A 32 -12.25 24.45 -16.69
N LEU A 33 -11.88 23.24 -16.26
CA LEU A 33 -12.65 22.04 -16.60
C LEU A 33 -13.49 21.55 -15.43
N TYR A 34 -14.80 21.77 -15.52
CA TYR A 34 -15.71 21.31 -14.47
C TYR A 34 -15.97 19.82 -14.63
N GLU A 35 -16.40 19.17 -13.55
CA GLU A 35 -16.61 17.73 -13.55
C GLU A 35 -17.75 17.35 -14.50
N LYS A 36 -17.69 16.13 -15.02
CA LYS A 36 -18.77 15.61 -15.86
C LYS A 36 -20.01 15.36 -15.01
N ASP A 37 -19.80 15.22 -13.70
CA ASP A 37 -20.90 15.13 -12.76
C ASP A 37 -20.98 16.41 -11.94
N SER A 38 -21.63 16.29 -10.79
CA SER A 38 -21.85 17.38 -9.85
C SER A 38 -22.68 16.80 -8.69
N SER A 39 -22.75 17.49 -7.56
CA SER A 39 -23.49 17.05 -6.37
C SER A 39 -23.28 15.58 -5.98
N VAL A 40 -22.73 15.36 -4.79
CA VAL A 40 -22.44 14.01 -4.31
C VAL A 40 -23.27 12.88 -4.90
N ALA A 41 -24.48 12.69 -4.38
CA ALA A 41 -25.32 11.56 -4.73
C ALA A 41 -25.50 11.35 -6.25
N ALA A 42 -25.61 12.44 -6.99
CA ALA A 42 -25.92 12.40 -8.43
C ALA A 42 -25.08 11.40 -9.22
N ARG A 43 -23.79 11.37 -8.94
CA ARG A 43 -22.89 10.48 -9.67
C ARG A 43 -23.32 9.03 -9.54
N PHE A 44 -23.53 8.59 -8.31
CA PHE A 44 -23.93 7.20 -8.07
C PHE A 44 -25.16 6.84 -8.89
N GLN A 45 -26.08 7.79 -9.02
CA GLN A 45 -27.22 7.60 -9.90
C GLN A 45 -26.72 7.25 -11.30
N ARG A 46 -25.86 8.11 -11.84
CA ARG A 46 -25.31 7.91 -13.18
C ARG A 46 -24.63 6.55 -13.29
N MET A 47 -23.94 6.13 -12.23
CA MET A 47 -23.24 4.86 -12.24
C MET A 47 -24.24 3.72 -12.37
N ARG A 48 -25.29 3.75 -11.55
CA ARG A 48 -26.37 2.77 -11.67
C ARG A 48 -26.82 2.76 -13.11
N GLU A 49 -26.99 3.94 -13.67
CA GLU A 49 -27.46 4.10 -15.03
C GLU A 49 -26.49 3.53 -16.05
N GLU A 50 -25.22 3.94 -15.96
CA GLU A 50 -24.20 3.53 -16.94
C GLU A 50 -23.91 2.03 -16.85
N PHE A 51 -23.93 1.50 -15.64
CA PHE A 51 -23.67 0.08 -15.41
C PHE A 51 -24.62 -0.80 -16.22
N ASP A 52 -25.80 -0.26 -16.51
CA ASP A 52 -26.79 -0.99 -17.28
C ASP A 52 -26.49 -0.92 -18.79
N LYS A 53 -26.26 0.29 -19.28
CA LYS A 53 -26.00 0.49 -20.70
C LYS A 53 -24.62 -0.03 -21.13
N ILE A 54 -23.57 0.40 -20.44
CA ILE A 54 -22.20 0.06 -20.82
C ILE A 54 -21.64 -1.14 -20.05
N GLY A 55 -22.04 -1.27 -18.77
CA GLY A 55 -21.51 -2.31 -17.91
C GLY A 55 -20.62 -1.71 -16.84
N MET A 56 -19.77 -2.54 -16.22
CA MET A 56 -18.85 -2.04 -15.20
C MET A 56 -18.06 -0.84 -15.70
N ARG A 57 -17.85 0.12 -14.80
CA ARG A 57 -17.11 1.35 -15.11
C ARG A 57 -15.60 1.14 -15.05
N ARG A 58 -14.89 1.71 -16.00
CA ARG A 58 -13.44 1.53 -16.05
C ARG A 58 -12.67 2.84 -15.91
N THR A 59 -12.20 3.10 -14.69
CA THR A 59 -11.43 4.30 -14.41
C THR A 59 -9.95 4.00 -14.49
N VAL A 60 -9.18 4.92 -15.07
CA VAL A 60 -7.72 4.83 -15.02
C VAL A 60 -7.12 6.11 -14.48
N GLU A 61 -6.04 5.96 -13.73
CA GLU A 61 -5.39 7.10 -13.10
C GLU A 61 -3.88 6.94 -13.14
N GLY A 62 -3.19 8.04 -13.45
CA GLY A 62 -1.74 8.04 -13.54
C GLY A 62 -1.05 8.71 -12.37
N VAL A 63 0.07 8.14 -11.95
CA VAL A 63 0.78 8.65 -10.79
C VAL A 63 2.10 9.29 -11.20
N LEU A 64 2.13 10.61 -11.28
CA LEU A 64 3.33 11.30 -11.72
C LEU A 64 4.22 11.66 -10.56
N ILE A 65 5.51 11.34 -10.70
CA ILE A 65 6.43 11.47 -9.58
C ILE A 65 7.56 12.42 -9.90
N VAL A 66 7.80 13.33 -8.96
CA VAL A 66 8.94 14.21 -9.02
C VAL A 66 9.72 13.95 -7.75
N HIS A 67 10.90 14.54 -7.63
CA HIS A 67 11.65 14.42 -6.40
C HIS A 67 12.11 15.78 -5.96
N GLU A 68 11.97 16.06 -4.67
CA GLU A 68 12.54 17.25 -4.09
C GLU A 68 13.14 16.87 -2.76
N HIS A 69 14.36 17.32 -2.52
CA HIS A 69 15.04 17.01 -1.28
C HIS A 69 15.26 15.51 -1.18
N ARG A 70 15.47 14.86 -2.33
CA ARG A 70 15.64 13.40 -2.40
C ARG A 70 14.51 12.65 -1.71
N LEU A 71 13.28 12.98 -2.12
CA LEU A 71 12.07 12.41 -1.54
C LEU A 71 10.96 12.62 -2.56
N PRO A 72 10.45 11.52 -3.13
CA PRO A 72 9.42 11.54 -4.16
C PRO A 72 8.18 12.34 -3.77
N HIS A 73 7.64 13.06 -4.73
CA HIS A 73 6.41 13.81 -4.55
C HIS A 73 5.42 13.44 -5.65
N VAL A 74 4.20 13.13 -5.26
CA VAL A 74 3.18 12.73 -6.22
C VAL A 74 2.37 13.95 -6.63
N LEU A 75 2.29 14.20 -7.93
CA LEU A 75 1.55 15.37 -8.40
C LEU A 75 0.07 15.14 -8.20
N LEU A 76 -0.59 16.07 -7.51
CA LEU A 76 -2.00 15.91 -7.20
C LEU A 76 -2.85 17.09 -7.65
N LEU A 77 -3.98 16.81 -8.29
CA LEU A 77 -4.93 17.84 -8.65
C LEU A 77 -5.82 18.19 -7.47
N GLN A 78 -5.44 19.23 -6.72
CA GLN A 78 -6.26 19.70 -5.61
C GLN A 78 -7.51 20.44 -6.09
N LEU A 79 -8.55 20.36 -5.28
CA LEU A 79 -9.78 21.13 -5.52
C LEU A 79 -10.41 21.51 -4.18
N GLY A 80 -10.66 22.80 -4.03
CA GLY A 80 -11.10 23.31 -2.75
C GLY A 80 -9.94 23.34 -1.79
N THR A 81 -10.21 22.97 -0.53
CA THR A 81 -9.18 22.99 0.51
C THR A 81 -8.72 21.59 0.93
N THR A 82 -9.56 20.59 0.66
CA THR A 82 -9.28 19.24 1.15
C THR A 82 -9.61 18.12 0.15
N PHE A 83 -9.79 18.47 -1.12
CA PHE A 83 -10.07 17.44 -2.12
C PHE A 83 -8.93 17.30 -3.13
N PHE A 84 -8.21 16.19 -3.04
CA PHE A 84 -7.19 15.89 -4.03
C PHE A 84 -7.63 14.69 -4.84
N LYS A 85 -7.08 14.57 -6.04
CA LYS A 85 -7.41 13.45 -6.90
C LYS A 85 -6.26 13.24 -7.85
N LEU A 86 -6.07 12.00 -8.28
CA LEU A 86 -5.09 11.73 -9.32
C LEU A 86 -5.67 12.13 -10.67
N PRO A 87 -4.80 12.59 -11.58
CA PRO A 87 -5.26 12.91 -12.92
C PRO A 87 -5.69 11.62 -13.60
N GLY A 88 -6.84 11.63 -14.26
CA GLY A 88 -7.35 10.43 -14.91
C GLY A 88 -8.87 10.45 -15.00
N GLY A 89 -9.48 9.27 -14.89
CA GLY A 89 -10.92 9.14 -14.94
C GLY A 89 -11.39 8.06 -15.90
N GLU A 90 -12.68 8.09 -16.23
CA GLU A 90 -13.34 7.05 -17.00
C GLU A 90 -12.77 6.83 -18.39
N LEU A 91 -12.73 5.58 -18.81
CA LEU A 91 -12.38 5.23 -20.18
C LEU A 91 -13.66 5.15 -21.00
N ASN A 92 -13.49 5.11 -22.31
CA ASN A 92 -14.62 4.95 -23.22
C ASN A 92 -14.70 3.50 -23.64
N PRO A 93 -15.91 2.91 -23.51
CA PRO A 93 -16.15 1.50 -23.81
C PRO A 93 -15.26 0.96 -24.92
N GLY A 94 -14.60 -0.16 -24.64
CA GLY A 94 -13.72 -0.82 -25.60
C GLY A 94 -12.49 -0.02 -25.93
N GLU A 95 -11.77 0.43 -24.89
CA GLU A 95 -10.60 1.30 -25.08
C GLU A 95 -9.38 0.77 -24.33
N ASP A 96 -8.24 0.74 -25.02
CA ASP A 96 -6.98 0.38 -24.38
C ASP A 96 -6.75 1.24 -23.15
N GLU A 97 -6.53 0.58 -22.01
CA GLU A 97 -6.34 1.27 -20.73
C GLU A 97 -5.30 2.39 -20.84
N VAL A 98 -4.21 2.11 -21.52
CA VAL A 98 -3.08 3.03 -21.54
C VAL A 98 -3.27 4.15 -22.55
N GLU A 99 -3.68 3.82 -23.76
CA GLU A 99 -3.99 4.83 -24.76
C GLU A 99 -5.07 5.77 -24.22
N GLY A 100 -5.93 5.22 -23.36
CA GLY A 100 -6.97 6.00 -22.71
C GLY A 100 -6.43 6.93 -21.66
N LEU A 101 -5.56 6.41 -20.80
CA LEU A 101 -4.91 7.24 -19.80
C LEU A 101 -4.14 8.37 -20.49
N LYS A 102 -3.31 8.03 -21.47
CA LYS A 102 -2.61 9.04 -22.26
C LYS A 102 -3.60 10.11 -22.69
N ARG A 103 -4.70 9.65 -23.29
CA ARG A 103 -5.75 10.54 -23.78
C ARG A 103 -6.37 11.38 -22.68
N LEU A 104 -6.28 10.91 -21.45
CA LEU A 104 -6.81 11.64 -20.29
C LEU A 104 -5.80 12.64 -19.71
N MET A 105 -4.53 12.36 -19.92
CA MET A 105 -3.46 13.24 -19.44
C MET A 105 -3.44 14.46 -20.32
N THR A 106 -3.40 14.25 -21.63
CA THR A 106 -3.43 15.37 -22.55
C THR A 106 -4.72 16.15 -22.31
N GLU A 107 -5.82 15.43 -22.18
CA GLU A 107 -7.11 16.05 -21.88
C GLU A 107 -7.04 16.90 -20.62
N ILE A 108 -6.33 16.42 -19.61
CA ILE A 108 -6.36 17.02 -18.27
C ILE A 108 -5.19 17.96 -17.94
N LEU A 109 -4.06 17.77 -18.60
CA LEU A 109 -2.86 18.58 -18.33
C LEU A 109 -2.15 18.99 -19.61
N GLY A 110 -2.90 19.09 -20.71
CA GLY A 110 -2.33 19.26 -22.03
C GLY A 110 -1.67 20.61 -22.25
N ARG A 111 -0.46 20.58 -22.79
CA ARG A 111 0.24 21.80 -23.19
C ARG A 111 -0.45 22.41 -24.40
N GLN A 112 -1.24 23.47 -24.17
CA GLN A 112 -2.03 24.08 -25.22
C GLN A 112 -1.22 24.35 -26.49
N ASP A 113 0.00 24.83 -26.30
CA ASP A 113 0.83 25.32 -27.41
C ASP A 113 1.17 24.36 -28.55
N GLY A 114 2.00 23.35 -28.28
CA GLY A 114 2.36 22.35 -29.28
C GLY A 114 1.97 21.04 -28.64
N VAL A 115 1.00 20.35 -29.23
CA VAL A 115 0.48 19.12 -28.63
C VAL A 115 1.30 17.86 -28.92
N LEU A 116 2.53 18.02 -29.41
CA LEU A 116 3.41 16.87 -29.63
C LEU A 116 3.94 16.36 -28.29
N GLN A 117 3.07 15.72 -27.53
CA GLN A 117 3.38 15.35 -26.17
C GLN A 117 3.11 13.88 -25.93
N ASP A 118 4.15 13.16 -25.52
CA ASP A 118 3.97 11.74 -25.23
C ASP A 118 4.25 11.40 -23.77
N TRP A 119 3.53 10.40 -23.28
CA TRP A 119 3.69 9.90 -21.92
C TRP A 119 4.29 8.52 -21.97
N VAL A 120 5.25 8.27 -21.09
CA VAL A 120 5.78 6.93 -20.91
C VAL A 120 5.03 6.28 -19.76
N ILE A 121 4.08 5.41 -20.12
CA ILE A 121 3.29 4.65 -19.16
C ILE A 121 3.60 3.18 -19.36
N ASP A 122 4.41 2.59 -18.48
CA ASP A 122 4.72 1.17 -18.66
CA ASP A 122 4.80 1.18 -18.64
C ASP A 122 4.64 0.35 -17.37
N ASP A 123 4.14 0.95 -16.30
CA ASP A 123 3.94 0.20 -15.06
C ASP A 123 2.57 0.43 -14.44
N CYS A 124 1.84 -0.65 -14.22
CA CYS A 124 0.63 -0.62 -13.42
C CYS A 124 1.03 -0.83 -11.96
N ILE A 125 0.47 -0.03 -11.05
CA ILE A 125 0.91 -0.08 -9.66
C ILE A 125 -0.16 -0.55 -8.69
N GLY A 126 -1.41 -0.63 -9.14
CA GLY A 126 -2.48 -1.15 -8.32
C GLY A 126 -3.84 -1.18 -8.98
N ASN A 127 -4.74 -1.99 -8.43
CA ASN A 127 -6.13 -2.02 -8.87
C ASN A 127 -7.03 -1.87 -7.66
N TRP A 128 -8.16 -1.20 -7.81
CA TRP A 128 -9.15 -1.04 -6.75
C TRP A 128 -10.54 -1.30 -7.30
N TRP A 129 -11.34 -2.08 -6.57
CA TRP A 129 -12.67 -2.45 -7.03
C TRP A 129 -13.76 -1.90 -6.12
N ARG A 130 -14.83 -1.40 -6.72
CA ARG A 130 -15.97 -0.86 -5.97
C ARG A 130 -17.13 -1.84 -6.01
N PRO A 131 -17.35 -2.56 -4.91
CA PRO A 131 -18.29 -3.69 -4.87
C PRO A 131 -19.72 -3.28 -5.21
N ASN A 132 -20.26 -2.29 -4.49
CA ASN A 132 -21.61 -1.81 -4.70
CA ASN A 132 -21.61 -1.83 -4.73
C ASN A 132 -21.66 -0.37 -5.19
N PHE A 133 -22.86 0.16 -5.34
CA PHE A 133 -23.00 1.53 -5.85
C PHE A 133 -22.76 2.51 -4.71
N GLU A 134 -21.71 2.27 -3.94
CA GLU A 134 -21.39 3.09 -2.77
C GLU A 134 -19.89 3.43 -2.73
N PRO A 135 -19.51 4.35 -1.81
CA PRO A 135 -18.14 4.81 -1.57
C PRO A 135 -17.05 3.73 -1.41
N PRO A 136 -17.29 2.73 -0.56
CA PRO A 136 -16.25 1.72 -0.32
C PRO A 136 -15.54 1.21 -1.59
N GLN A 137 -14.21 1.19 -1.52
CA GLN A 137 -13.35 0.56 -2.54
C GLN A 137 -12.21 -0.17 -1.84
N TYR A 138 -11.93 -1.39 -2.29
CA TYR A 138 -10.89 -2.20 -1.66
C TYR A 138 -9.91 -2.67 -2.73
N PRO A 139 -8.67 -2.93 -2.35
CA PRO A 139 -7.66 -3.28 -3.34
C PRO A 139 -7.90 -4.67 -3.90
N TYR A 140 -9.09 -5.21 -3.67
CA TYR A 140 -9.41 -6.59 -4.04
C TYR A 140 -10.91 -6.78 -4.22
N ILE A 141 -11.32 -7.91 -4.80
CA ILE A 141 -12.74 -8.21 -5.01
C ILE A 141 -13.25 -9.20 -3.98
N PRO A 142 -14.07 -8.71 -3.03
CA PRO A 142 -14.55 -9.49 -1.89
C PRO A 142 -15.27 -10.76 -2.33
N ALA A 143 -15.02 -11.86 -1.62
CA ALA A 143 -15.43 -13.19 -2.07
C ALA A 143 -16.87 -13.26 -2.59
N HIS A 144 -17.75 -12.47 -1.99
CA HIS A 144 -19.18 -12.56 -2.27
C HIS A 144 -19.60 -11.70 -3.44
N ILE A 145 -18.66 -11.27 -4.26
CA ILE A 145 -18.97 -10.35 -5.37
C ILE A 145 -18.64 -10.95 -6.75
N THR A 146 -19.59 -10.83 -7.66
CA THR A 146 -19.43 -11.34 -9.03
C THR A 146 -19.28 -10.21 -10.03
N LYS A 147 -20.14 -9.20 -9.93
CA LYS A 147 -20.14 -8.09 -10.89
C LYS A 147 -19.88 -6.73 -10.23
N PRO A 148 -18.61 -6.37 -10.03
CA PRO A 148 -18.24 -5.11 -9.39
C PRO A 148 -18.81 -3.94 -10.18
N LYS A 149 -18.99 -2.80 -9.53
CA LYS A 149 -19.63 -1.66 -10.17
C LYS A 149 -18.59 -0.84 -10.91
N GLU A 150 -17.37 -0.79 -10.36
CA GLU A 150 -16.31 0.00 -10.96
C GLU A 150 -14.91 -0.59 -10.71
N HIS A 151 -14.07 -0.57 -11.75
CA HIS A 151 -12.68 -1.03 -11.64
C HIS A 151 -11.72 0.12 -11.90
N LYS A 152 -10.83 0.37 -10.93
CA LYS A 152 -9.85 1.46 -11.01
C LYS A 152 -8.44 0.91 -11.09
N LYS A 153 -7.68 1.30 -12.12
CA LYS A 153 -6.33 0.80 -12.27
C LYS A 153 -5.34 1.97 -12.35
N LEU A 154 -4.22 1.86 -11.65
CA LEU A 154 -3.26 2.96 -11.59
C LEU A 154 -1.93 2.62 -12.26
N PHE A 155 -1.44 3.56 -13.05
CA PHE A 155 -0.19 3.36 -13.78
C PHE A 155 0.81 4.44 -13.43
N LEU A 156 2.01 4.03 -13.06
CA LEU A 156 3.08 4.98 -12.89
C LEU A 156 3.35 5.65 -14.24
N VAL A 157 3.27 6.97 -14.26
CA VAL A 157 3.62 7.73 -15.46
C VAL A 157 4.99 8.38 -15.28
N GLN A 158 5.94 7.99 -16.13
CA GLN A 158 7.29 8.53 -16.06
C GLN A 158 7.39 9.87 -16.76
N LEU A 159 7.78 10.90 -16.01
CA LEU A 159 8.05 12.18 -16.60
C LEU A 159 9.45 12.15 -17.23
N GLN A 160 9.62 12.84 -18.35
CA GLN A 160 10.93 12.99 -18.94
C GLN A 160 11.65 14.09 -18.17
N GLU A 161 12.92 14.33 -18.50
CA GLU A 161 13.73 15.32 -17.79
C GLU A 161 12.94 16.59 -17.53
N LYS A 162 12.62 17.30 -18.62
CA LYS A 162 11.79 18.48 -18.51
C LYS A 162 10.59 18.33 -19.43
N ALA A 163 9.50 18.99 -19.06
CA ALA A 163 8.30 19.00 -19.86
C ALA A 163 7.41 20.10 -19.30
N LEU A 164 6.62 20.72 -20.16
CA LEU A 164 5.70 21.76 -19.73
C LEU A 164 4.25 21.26 -19.73
N PHE A 165 3.56 21.53 -18.62
CA PHE A 165 2.19 21.07 -18.46
C PHE A 165 1.23 22.25 -18.30
N ALA A 166 -0.06 21.97 -18.21
CA ALA A 166 -1.07 23.02 -18.10
C ALA A 166 -2.26 22.59 -17.25
N VAL A 167 -2.57 23.40 -16.24
CA VAL A 167 -3.66 23.11 -15.34
C VAL A 167 -4.96 23.78 -15.76
N PRO A 168 -6.09 23.06 -15.61
CA PRO A 168 -7.40 23.69 -15.81
C PRO A 168 -7.53 24.84 -14.84
N LYS A 169 -7.91 26.01 -15.34
CA LYS A 169 -7.91 27.23 -14.54
C LYS A 169 -8.63 27.08 -13.20
N ASN A 170 -9.52 26.10 -13.12
CA ASN A 170 -10.31 25.86 -11.90
C ASN A 170 -9.61 24.97 -10.88
N TYR A 171 -8.49 24.37 -11.28
CA TYR A 171 -7.76 23.46 -10.40
C TYR A 171 -6.41 24.00 -9.97
N LYS A 172 -5.96 23.55 -8.80
CA LYS A 172 -4.61 23.81 -8.33
C LYS A 172 -3.85 22.51 -8.44
N LEU A 173 -2.54 22.59 -8.70
CA LEU A 173 -1.71 21.38 -8.73
C LEU A 173 -0.64 21.44 -7.65
N VAL A 174 -0.63 20.42 -6.80
CA VAL A 174 0.36 20.31 -5.73
C VAL A 174 1.28 19.10 -5.95
N ALA A 175 2.42 19.10 -5.26
CA ALA A 175 3.33 17.97 -5.28
C ALA A 175 3.49 17.42 -3.87
N ALA A 176 2.61 16.48 -3.51
CA ALA A 176 2.59 15.92 -2.16
C ALA A 176 3.74 14.95 -1.95
N PRO A 177 4.60 15.26 -0.97
CA PRO A 177 5.70 14.33 -0.65
C PRO A 177 5.09 13.10 -0.02
N LEU A 178 5.86 12.01 0.06
CA LEU A 178 5.26 10.75 0.50
C LEU A 178 4.74 10.81 1.91
N PHE A 179 5.52 11.38 2.83
CA PHE A 179 5.16 11.38 4.25
C PHE A 179 3.91 12.20 4.55
N GLU A 180 3.53 13.08 3.62
CA GLU A 180 2.29 13.81 3.76
C GLU A 180 1.17 12.79 3.70
N LEU A 181 1.35 11.78 2.86
CA LEU A 181 0.28 10.86 2.50
C LEU A 181 0.25 9.58 3.33
N TYR A 182 1.42 9.14 3.77
CA TYR A 182 1.53 7.91 4.56
C TYR A 182 0.56 7.89 5.73
N ASP A 183 -0.14 6.76 5.90
CA ASP A 183 -1.08 6.62 7.00
C ASP A 183 -1.89 7.90 7.18
N ASN A 184 -2.46 8.37 6.08
CA ASN A 184 -3.23 9.60 6.08
C ASN A 184 -4.49 9.39 5.28
N ALA A 185 -5.21 8.33 5.61
CA ALA A 185 -6.47 8.04 4.94
C ALA A 185 -7.41 9.24 4.99
N PRO A 186 -7.56 9.87 6.18
CA PRO A 186 -8.43 11.04 6.31
C PRO A 186 -8.14 12.11 5.25
N GLY A 187 -6.89 12.54 5.17
CA GLY A 187 -6.51 13.62 4.28
C GLY A 187 -6.58 13.30 2.79
N TYR A 188 -6.34 12.05 2.41
CA TYR A 188 -6.14 11.75 0.99
C TYR A 188 -6.94 10.56 0.43
N GLY A 189 -7.49 9.73 1.32
CA GLY A 189 -8.32 8.63 0.88
C GLY A 189 -7.57 7.31 0.99
N PRO A 190 -8.30 6.19 0.92
CA PRO A 190 -7.69 4.86 1.03
C PRO A 190 -6.67 4.64 -0.07
N ILE A 191 -7.03 4.98 -1.29
CA ILE A 191 -6.14 4.79 -2.43
C ILE A 191 -4.89 5.64 -2.40
N ILE A 192 -5.06 6.95 -2.56
CA ILE A 192 -3.93 7.88 -2.56
C ILE A 192 -2.99 7.70 -1.36
N SER A 193 -3.53 7.40 -0.19
CA SER A 193 -2.70 7.33 1.00
C SER A 193 -1.87 6.06 1.04
N SER A 194 -2.13 5.15 0.11
CA SER A 194 -1.37 3.90 0.06
C SER A 194 -0.33 3.92 -1.06
N LEU A 195 -0.14 5.10 -1.66
CA LEU A 195 0.88 5.22 -2.69
C LEU A 195 2.28 5.06 -2.11
N PRO A 196 2.55 5.71 -0.95
CA PRO A 196 3.91 5.59 -0.44
C PRO A 196 4.40 4.16 -0.57
N GLN A 197 3.61 3.22 -0.08
CA GLN A 197 3.92 1.80 -0.16
C GLN A 197 3.98 1.31 -1.61
N LEU A 198 2.95 1.62 -2.38
CA LEU A 198 2.87 1.19 -3.76
C LEU A 198 4.05 1.66 -4.60
N LEU A 199 4.77 2.66 -4.12
CA LEU A 199 5.93 3.15 -4.86
C LEU A 199 7.23 2.67 -4.23
N SER A 200 7.12 2.09 -3.05
CA SER A 200 8.29 1.72 -2.27
C SER A 200 9.16 0.66 -2.94
N ARG A 201 8.64 0.06 -4.02
CA ARG A 201 9.34 -1.03 -4.69
C ARG A 201 10.23 -0.52 -5.82
N PHE A 202 9.94 0.68 -6.29
CA PHE A 202 10.74 1.30 -7.35
C PHE A 202 12.08 1.84 -6.85
N ASN A 203 13.13 1.64 -7.66
CA ASN A 203 14.46 2.18 -7.36
C ASN A 203 14.57 3.57 -7.91
N PHE A 204 14.46 4.57 -7.04
CA PHE A 204 14.38 5.96 -7.50
C PHE A 204 15.73 6.68 -7.60
N ILE A 205 15.95 7.33 -8.74
CA ILE A 205 17.11 8.18 -8.93
C ILE A 205 16.67 9.63 -8.95
N TYR A 206 17.43 10.47 -8.26
CA TYR A 206 17.10 11.88 -8.12
C TYR A 206 18.10 12.73 -8.90
N ASN A 207 17.69 13.21 -10.08
CA ASN A 207 18.61 14.00 -10.90
C ASN A 207 18.55 15.49 -10.60
N GLY B 1 -15.02 -12.45 -38.43
CA GLY B 1 -13.81 -12.14 -39.18
C GLY B 1 -12.51 -12.55 -38.50
N ASN B 2 -11.39 -12.07 -39.06
CA ASN B 2 -10.08 -12.39 -38.50
C ASN B 2 -9.75 -11.48 -37.33
N LYS B 3 -9.27 -12.05 -36.23
CA LYS B 3 -8.74 -11.25 -35.13
C LYS B 3 -7.21 -11.16 -35.26
N TYR B 4 -6.62 -10.06 -34.79
CA TYR B 4 -5.15 -9.97 -34.81
C TYR B 4 -4.55 -10.59 -33.56
N ILE B 5 -3.35 -11.14 -33.70
CA ILE B 5 -2.68 -11.77 -32.58
C ILE B 5 -2.23 -10.71 -31.59
N GLN B 6 -2.74 -10.80 -30.37
CA GLN B 6 -2.38 -9.86 -29.30
C GLN B 6 -0.87 -9.65 -29.28
N GLN B 7 -0.44 -8.45 -28.93
CA GLN B 7 1.00 -8.20 -28.79
C GLN B 7 1.46 -8.49 -27.37
N THR B 8 2.76 -8.77 -27.23
CA THR B 8 3.34 -9.07 -25.93
C THR B 8 3.18 -7.90 -24.98
N LYS B 9 2.60 -8.17 -23.81
CA LYS B 9 2.48 -7.16 -22.76
C LYS B 9 3.70 -7.15 -21.85
N PRO B 10 4.38 -5.99 -21.73
CA PRO B 10 5.53 -5.87 -20.82
C PRO B 10 5.14 -6.29 -19.40
N LEU B 11 5.96 -7.13 -18.78
CA LEU B 11 5.69 -7.64 -17.45
C LEU B 11 5.45 -6.52 -16.46
N THR B 12 6.02 -5.35 -16.75
CA THR B 12 5.89 -4.22 -15.86
C THR B 12 4.44 -3.71 -15.84
N LEU B 13 3.73 -3.89 -16.95
CA LEU B 13 2.34 -3.45 -17.05
C LEU B 13 1.35 -4.52 -16.60
N GLU B 14 1.67 -5.77 -16.92
CA GLU B 14 0.77 -6.87 -16.60
C GLU B 14 1.59 -8.02 -16.05
N ARG B 15 1.53 -8.21 -14.75
CA ARG B 15 2.20 -9.34 -14.13
C ARG B 15 1.15 -10.39 -13.75
N THR B 16 1.30 -11.58 -14.31
CA THR B 16 0.32 -12.63 -14.12
C THR B 16 0.89 -13.73 -13.25
N ILE B 17 0.26 -13.94 -12.11
CA ILE B 17 0.75 -14.90 -11.12
C ILE B 17 -0.23 -16.05 -10.89
N ASN B 18 0.29 -17.27 -10.86
CA ASN B 18 -0.52 -18.46 -10.70
C ASN B 18 -0.77 -18.86 -9.26
N LEU B 19 -2.05 -18.95 -8.89
CA LEU B 19 -2.44 -19.29 -7.54
C LEU B 19 -3.14 -20.65 -7.52
N TYR B 20 -2.89 -21.40 -6.45
CA TYR B 20 -3.47 -22.73 -6.29
C TYR B 20 -4.23 -22.84 -4.98
N PRO B 21 -5.21 -23.75 -4.92
CA PRO B 21 -6.04 -24.01 -3.74
C PRO B 21 -5.19 -24.11 -2.51
N LEU B 22 -5.64 -23.51 -1.42
CA LEU B 22 -4.83 -23.50 -0.22
C LEU B 22 -4.79 -24.90 0.34
N THR B 23 -5.70 -25.74 -0.15
CA THR B 23 -5.83 -27.11 0.35
C THR B 23 -4.76 -28.04 -0.23
N ASN B 24 -4.05 -27.56 -1.25
CA ASN B 24 -2.91 -28.27 -1.82
C ASN B 24 -1.73 -28.32 -0.86
N TYR B 25 -1.76 -27.46 0.15
CA TYR B 25 -0.56 -27.21 0.96
C TYR B 25 -0.69 -27.71 2.39
N THR B 26 0.36 -28.39 2.85
CA THR B 26 0.34 -28.99 4.18
C THR B 26 1.67 -28.85 4.89
N PHE B 27 1.67 -29.10 6.19
CA PHE B 27 2.87 -28.94 7.00
C PHE B 27 3.20 -30.20 7.80
N GLY B 28 4.48 -30.44 7.95
CA GLY B 28 4.96 -31.45 8.88
C GLY B 28 5.76 -30.76 9.96
N THR B 29 5.31 -30.89 11.20
CA THR B 29 6.04 -30.35 12.34
C THR B 29 7.56 -30.57 12.28
N LYS B 30 8.33 -29.55 12.63
CA LYS B 30 9.79 -29.66 12.62
C LYS B 30 10.42 -29.12 13.90
N GLU B 31 11.74 -29.25 13.99
CA GLU B 31 12.50 -28.75 15.12
C GLU B 31 12.17 -27.27 15.38
N PRO B 32 11.83 -26.93 16.62
CA PRO B 32 11.39 -25.57 16.96
C PRO B 32 12.50 -24.54 16.87
N LEU B 33 12.24 -23.43 16.18
CA LEU B 33 13.23 -22.35 16.09
C LEU B 33 12.97 -21.24 17.10
N TYR B 34 13.92 -21.04 18.01
CA TYR B 34 13.90 -19.87 18.87
C TYR B 34 14.15 -18.64 18.00
N GLU B 35 14.05 -17.46 18.60
CA GLU B 35 14.46 -16.23 17.93
C GLU B 35 15.83 -15.81 18.44
N LYS B 36 16.67 -15.29 17.54
CA LYS B 36 18.05 -14.97 17.89
C LYS B 36 18.15 -13.90 18.97
N ASP B 37 17.17 -13.00 19.00
CA ASP B 37 17.10 -11.99 20.04
C ASP B 37 16.27 -12.46 21.22
N SER B 38 16.67 -12.06 22.42
CA SER B 38 16.08 -12.59 23.64
C SER B 38 14.94 -11.89 24.38
N SER B 39 15.16 -10.62 24.74
CA SER B 39 14.10 -9.74 25.19
C SER B 39 13.68 -8.75 24.10
N VAL B 40 12.88 -7.76 24.49
CA VAL B 40 12.36 -6.78 23.53
C VAL B 40 13.40 -5.71 23.18
N ALA B 41 14.45 -5.61 23.98
CA ALA B 41 15.47 -4.58 23.75
C ALA B 41 16.85 -5.17 23.49
N ALA B 42 16.91 -6.49 23.30
CA ALA B 42 18.17 -7.14 23.00
C ALA B 42 18.43 -7.06 21.51
N ARG B 43 17.38 -6.86 20.73
CA ARG B 43 17.49 -6.83 19.28
C ARG B 43 18.17 -5.55 18.81
N PHE B 44 17.89 -4.44 19.49
CA PHE B 44 18.51 -3.17 19.14
C PHE B 44 19.91 -3.07 19.72
N GLN B 45 20.12 -3.71 20.87
CA GLN B 45 21.46 -3.80 21.45
C GLN B 45 22.34 -4.56 20.46
N ARG B 46 21.71 -5.50 19.76
CA ARG B 46 22.39 -6.29 18.75
C ARG B 46 22.48 -5.51 17.44
N MET B 47 21.44 -4.72 17.16
CA MET B 47 21.41 -3.89 15.95
C MET B 47 22.52 -2.84 15.98
N ARG B 48 22.63 -2.10 17.07
CA ARG B 48 23.72 -1.14 17.24
C ARG B 48 25.05 -1.83 16.97
N GLU B 49 25.32 -2.91 17.70
CA GLU B 49 26.58 -3.64 17.61
C GLU B 49 26.93 -4.05 16.18
N GLU B 50 25.95 -4.60 15.47
CA GLU B 50 26.18 -5.08 14.12
C GLU B 50 26.39 -3.91 13.16
N PHE B 51 25.55 -2.89 13.29
CA PHE B 51 25.64 -1.76 12.39
C PHE B 51 27.04 -1.16 12.41
N ASP B 52 27.69 -1.25 13.57
CA ASP B 52 29.04 -0.72 13.72
C ASP B 52 30.08 -1.50 12.90
N LYS B 53 30.13 -2.81 13.07
CA LYS B 53 31.06 -3.62 12.31
C LYS B 53 30.50 -3.99 10.94
N ILE B 54 29.26 -4.48 10.92
CA ILE B 54 28.64 -4.95 9.68
C ILE B 54 28.09 -3.82 8.83
N GLY B 55 27.38 -2.88 9.46
CA GLY B 55 26.72 -1.81 8.74
C GLY B 55 25.22 -2.06 8.68
N MET B 56 24.49 -1.19 7.99
CA MET B 56 23.04 -1.28 7.87
C MET B 56 22.57 -2.71 7.67
N ARG B 57 21.53 -3.09 8.39
CA ARG B 57 20.95 -4.43 8.31
C ARG B 57 20.12 -4.59 7.04
N ARG B 58 20.23 -5.76 6.41
CA ARG B 58 19.42 -6.05 5.23
C ARG B 58 18.52 -7.25 5.48
N THR B 59 17.25 -6.98 5.78
CA THR B 59 16.27 -8.02 6.03
C THR B 59 15.50 -8.33 4.77
N VAL B 60 15.05 -9.58 4.64
CA VAL B 60 14.18 -9.94 3.53
C VAL B 60 13.09 -10.88 4.01
N GLU B 61 11.92 -10.74 3.42
CA GLU B 61 10.79 -11.58 3.75
C GLU B 61 10.13 -12.08 2.48
N GLY B 62 9.59 -13.28 2.55
CA GLY B 62 8.91 -13.87 1.42
C GLY B 62 7.42 -13.87 1.62
N VAL B 63 6.69 -13.46 0.60
CA VAL B 63 5.24 -13.51 0.62
C VAL B 63 4.78 -14.68 -0.22
N LEU B 64 4.13 -15.66 0.40
CA LEU B 64 3.71 -16.86 -0.34
C LEU B 64 2.20 -16.91 -0.42
N ILE B 65 1.66 -16.87 -1.63
CA ILE B 65 0.23 -16.77 -1.77
C ILE B 65 -0.46 -18.05 -2.23
N VAL B 66 -1.53 -18.38 -1.53
CA VAL B 66 -2.43 -19.47 -1.94
C VAL B 66 -3.80 -18.82 -2.10
N HIS B 67 -4.81 -19.62 -2.41
CA HIS B 67 -6.15 -19.06 -2.59
C HIS B 67 -7.26 -20.04 -2.20
N GLU B 68 -8.35 -19.49 -1.66
CA GLU B 68 -9.54 -20.28 -1.42
C GLU B 68 -10.77 -19.40 -1.57
N HIS B 69 -11.83 -19.98 -2.11
CA HIS B 69 -13.08 -19.24 -2.29
C HIS B 69 -12.86 -18.01 -3.15
N ARG B 70 -11.94 -18.13 -4.10
CA ARG B 70 -11.68 -17.05 -5.07
C ARG B 70 -11.05 -15.80 -4.43
N LEU B 71 -10.35 -15.98 -3.32
CA LEU B 71 -9.67 -14.86 -2.67
C LEU B 71 -8.24 -15.22 -2.22
N PRO B 72 -7.27 -14.37 -2.58
CA PRO B 72 -5.87 -14.55 -2.20
C PRO B 72 -5.69 -14.62 -0.69
N HIS B 73 -4.87 -15.58 -0.25
CA HIS B 73 -4.48 -15.71 1.15
C HIS B 73 -2.97 -15.67 1.22
N VAL B 74 -2.45 -15.04 2.27
CA VAL B 74 -1.02 -14.93 2.46
C VAL B 74 -0.60 -15.85 3.57
N LEU B 75 0.50 -16.59 3.38
CA LEU B 75 0.96 -17.49 4.41
C LEU B 75 1.74 -16.76 5.49
N LEU B 76 1.14 -16.68 6.68
CA LEU B 76 1.80 -16.09 7.82
C LEU B 76 2.22 -17.19 8.75
N LEU B 77 3.20 -16.90 9.59
CA LEU B 77 3.51 -17.76 10.72
C LEU B 77 3.13 -17.00 11.96
N GLN B 78 2.25 -17.57 12.77
CA GLN B 78 2.02 -17.01 14.10
C GLN B 78 2.61 -17.91 15.16
N LEU B 79 2.80 -17.38 16.37
CA LEU B 79 3.16 -18.23 17.50
C LEU B 79 2.11 -18.13 18.60
N GLY B 80 2.25 -17.12 19.44
CA GLY B 80 1.19 -16.78 20.37
C GLY B 80 -0.01 -16.44 19.51
N THR B 81 -1.08 -15.98 20.11
CA THR B 81 -2.27 -15.68 19.32
C THR B 81 -2.29 -14.22 18.87
N THR B 82 -1.16 -13.53 19.01
CA THR B 82 -1.09 -12.11 18.68
C THR B 82 0.14 -11.72 17.86
N PHE B 83 0.87 -12.71 17.35
CA PHE B 83 2.13 -12.43 16.68
C PHE B 83 2.19 -13.10 15.31
N PHE B 84 2.40 -12.30 14.28
CA PHE B 84 2.48 -12.79 12.90
C PHE B 84 3.70 -12.24 12.18
N LYS B 85 4.51 -13.14 11.63
CA LYS B 85 5.67 -12.73 10.85
C LYS B 85 5.72 -13.43 9.49
N LEU B 86 6.24 -12.74 8.47
CA LEU B 86 6.49 -13.41 7.19
C LEU B 86 7.79 -14.18 7.31
N PRO B 87 7.91 -15.28 6.55
CA PRO B 87 9.16 -16.03 6.57
C PRO B 87 10.28 -15.21 5.94
N GLY B 88 11.43 -15.15 6.62
CA GLY B 88 12.58 -14.40 6.14
C GLY B 88 13.56 -14.14 7.27
N GLY B 89 14.47 -13.20 7.07
CA GLY B 89 15.39 -12.83 8.13
C GLY B 89 16.58 -12.03 7.63
N GLU B 90 17.52 -11.78 8.54
CA GLU B 90 18.71 -11.03 8.21
C GLU B 90 19.53 -11.75 7.14
N LEU B 91 20.12 -10.96 6.25
CA LEU B 91 21.04 -11.49 5.26
C LEU B 91 22.44 -11.51 5.86
N ASN B 92 23.32 -12.28 5.25
CA ASN B 92 24.72 -12.22 5.61
C ASN B 92 25.38 -11.08 4.83
N PRO B 93 26.37 -10.44 5.43
CA PRO B 93 27.15 -9.40 4.76
C PRO B 93 27.64 -9.87 3.39
N GLY B 94 27.23 -9.16 2.33
CA GLY B 94 27.68 -9.47 0.99
C GLY B 94 26.87 -10.58 0.32
N GLU B 95 25.77 -10.99 0.96
CA GLU B 95 24.89 -12.03 0.42
C GLU B 95 23.85 -11.47 -0.58
N ASP B 96 23.55 -12.23 -1.64
CA ASP B 96 22.54 -11.82 -2.63
C ASP B 96 21.11 -11.83 -2.08
N GLU B 97 20.31 -10.84 -2.46
CA GLU B 97 18.94 -10.73 -1.96
C GLU B 97 18.15 -12.04 -2.11
N VAL B 98 17.89 -12.44 -3.36
CA VAL B 98 17.11 -13.64 -3.64
C VAL B 98 17.75 -14.93 -3.12
N GLU B 99 18.98 -15.23 -3.56
CA GLU B 99 19.70 -16.39 -3.07
C GLU B 99 19.57 -16.51 -1.56
N GLY B 100 19.82 -15.41 -0.87
CA GLY B 100 19.69 -15.38 0.57
C GLY B 100 18.28 -15.73 1.00
N LEU B 101 17.30 -15.18 0.28
CA LEU B 101 15.92 -15.45 0.61
C LEU B 101 15.66 -16.95 0.56
N LYS B 102 15.99 -17.58 -0.56
CA LYS B 102 15.82 -19.01 -0.71
C LYS B 102 16.44 -19.76 0.47
N ARG B 103 17.63 -19.33 0.88
CA ARG B 103 18.31 -19.91 2.03
C ARG B 103 17.50 -19.81 3.32
N LEU B 104 16.78 -18.70 3.50
CA LEU B 104 16.00 -18.48 4.71
C LEU B 104 14.68 -19.20 4.66
N MET B 105 14.02 -19.12 3.51
CA MET B 105 12.82 -19.88 3.27
C MET B 105 13.11 -21.33 3.61
N THR B 106 13.98 -21.94 2.80
CA THR B 106 14.39 -23.32 2.98
C THR B 106 14.82 -23.60 4.42
N GLU B 107 15.25 -22.56 5.11
CA GLU B 107 15.72 -22.71 6.48
C GLU B 107 14.54 -22.82 7.44
N ILE B 108 13.67 -21.82 7.42
CA ILE B 108 12.52 -21.77 8.32
CA ILE B 108 12.53 -21.77 8.33
C ILE B 108 11.44 -22.78 7.94
N LEU B 109 11.21 -22.96 6.65
CA LEU B 109 10.34 -24.03 6.16
CA LEU B 109 10.33 -24.02 6.15
C LEU B 109 11.19 -24.99 5.36
N GLY B 110 10.58 -25.66 4.38
CA GLY B 110 11.35 -26.54 3.51
C GLY B 110 11.13 -28.03 3.67
N ARG B 111 11.20 -28.73 2.54
CA ARG B 111 10.95 -30.17 2.49
C ARG B 111 12.18 -30.97 2.94
N GLN B 112 12.00 -31.74 4.00
CA GLN B 112 13.02 -32.69 4.45
C GLN B 112 12.76 -34.06 3.80
N ASP B 113 11.59 -34.20 3.20
CA ASP B 113 11.24 -35.41 2.45
C ASP B 113 11.80 -35.34 1.04
N GLY B 114 13.13 -35.36 0.92
CA GLY B 114 13.79 -35.31 -0.37
C GLY B 114 14.32 -33.93 -0.73
N TRP B 119 12.06 -22.88 -4.79
CA TRP B 119 11.66 -21.48 -4.58
C TRP B 119 11.79 -20.65 -5.84
N VAL B 120 10.66 -20.21 -6.38
CA VAL B 120 10.69 -19.33 -7.53
C VAL B 120 10.40 -17.92 -7.04
N ILE B 121 11.38 -17.03 -7.20
CA ILE B 121 11.23 -15.66 -6.74
C ILE B 121 11.60 -14.66 -7.82
N ASP B 122 10.61 -14.10 -8.50
CA ASP B 122 10.86 -13.20 -9.63
C ASP B 122 10.37 -11.77 -9.42
N ASP B 123 9.68 -11.51 -8.30
CA ASP B 123 9.03 -10.21 -8.11
C ASP B 123 9.32 -9.53 -6.78
N CYS B 124 9.60 -8.22 -6.85
CA CYS B 124 9.73 -7.39 -5.66
C CYS B 124 8.45 -6.62 -5.44
N ILE B 125 7.91 -6.71 -4.24
CA ILE B 125 6.65 -6.05 -3.94
C ILE B 125 6.82 -4.78 -3.08
N GLY B 126 7.90 -4.72 -2.30
CA GLY B 126 8.12 -3.54 -1.48
C GLY B 126 9.49 -3.40 -0.85
N ASN B 127 9.70 -2.23 -0.24
CA ASN B 127 10.87 -1.97 0.60
C ASN B 127 10.42 -1.22 1.85
N TRP B 128 11.01 -1.55 2.99
CA TRP B 128 10.76 -0.78 4.22
C TRP B 128 12.07 -0.45 4.95
N TRP B 129 12.23 0.81 5.32
CA TRP B 129 13.45 1.30 5.98
C TRP B 129 13.20 1.69 7.43
N ARG B 130 14.13 1.34 8.30
CA ARG B 130 14.06 1.72 9.71
C ARG B 130 15.13 2.77 9.98
N PRO B 131 14.71 4.05 10.11
CA PRO B 131 15.65 5.18 10.22
C PRO B 131 16.54 5.11 11.46
N ASN B 132 15.95 4.84 12.62
CA ASN B 132 16.71 4.74 13.87
C ASN B 132 16.70 3.34 14.49
N PHE B 133 17.42 3.18 15.60
CA PHE B 133 17.38 1.91 16.34
C PHE B 133 16.12 1.86 17.18
N GLU B 134 14.97 1.98 16.54
CA GLU B 134 13.68 1.94 17.22
C GLU B 134 12.63 1.32 16.30
N PRO B 135 11.52 0.83 16.87
CA PRO B 135 10.36 0.25 16.19
C PRO B 135 10.03 0.78 14.78
N PRO B 136 9.78 2.10 14.63
CA PRO B 136 9.09 2.50 13.41
C PRO B 136 9.90 2.26 12.14
N GLN B 137 9.21 1.72 11.14
CA GLN B 137 9.75 1.49 9.81
C GLN B 137 8.83 2.16 8.82
N TYR B 138 9.39 2.73 7.75
CA TYR B 138 8.59 3.40 6.74
C TYR B 138 8.91 2.89 5.33
N PRO B 139 7.95 2.99 4.41
CA PRO B 139 8.18 2.60 3.01
C PRO B 139 9.09 3.58 2.24
N TYR B 140 9.76 4.49 2.96
CA TYR B 140 10.67 5.45 2.33
C TYR B 140 11.69 5.90 3.35
N ILE B 141 12.70 6.65 2.90
CA ILE B 141 13.75 7.19 3.77
C ILE B 141 13.48 8.67 4.04
N PRO B 142 13.05 8.99 5.27
CA PRO B 142 12.81 10.40 5.58
C PRO B 142 13.99 11.27 5.20
N ALA B 143 13.68 12.46 4.69
CA ALA B 143 14.68 13.32 4.08
C ALA B 143 15.86 13.66 4.98
N HIS B 144 15.67 13.57 6.29
CA HIS B 144 16.73 13.97 7.20
C HIS B 144 17.62 12.79 7.52
N ILE B 145 17.17 11.59 7.12
CA ILE B 145 17.94 10.38 7.36
C ILE B 145 18.86 10.07 6.18
N THR B 146 20.13 9.86 6.49
CA THR B 146 21.12 9.55 5.48
C THR B 146 21.54 8.09 5.60
N LYS B 147 21.61 7.59 6.84
CA LYS B 147 21.97 6.20 7.07
C LYS B 147 20.87 5.54 7.88
N PRO B 148 20.02 4.74 7.21
CA PRO B 148 18.96 4.01 7.92
C PRO B 148 19.58 2.77 8.52
N LYS B 149 19.04 2.31 9.65
CA LYS B 149 19.64 1.20 10.37
C LYS B 149 19.29 -0.16 9.74
N GLU B 150 18.13 -0.24 9.09
CA GLU B 150 17.67 -1.49 8.51
C GLU B 150 16.90 -1.31 7.20
N HIS B 151 17.15 -2.20 6.25
CA HIS B 151 16.41 -2.21 4.99
C HIS B 151 15.73 -3.55 4.80
N LYS B 152 14.41 -3.52 4.70
CA LYS B 152 13.61 -4.73 4.59
C LYS B 152 13.03 -4.82 3.18
N LYS B 153 13.33 -5.90 2.47
CA LYS B 153 12.87 -6.06 1.10
C LYS B 153 11.91 -7.24 0.99
N LEU B 154 10.75 -7.02 0.38
CA LEU B 154 9.73 -8.07 0.31
C LEU B 154 9.53 -8.59 -1.10
N PHE B 155 9.43 -9.91 -1.21
CA PHE B 155 9.29 -10.53 -2.52
C PHE B 155 8.08 -11.44 -2.60
N LEU B 156 7.44 -11.48 -3.78
CA LEU B 156 6.41 -12.47 -4.06
C LEU B 156 7.04 -13.82 -4.37
N VAL B 157 6.84 -14.80 -3.50
CA VAL B 157 7.39 -16.13 -3.70
C VAL B 157 6.40 -17.04 -4.40
N GLN B 158 6.57 -17.21 -5.71
CA GLN B 158 5.70 -18.09 -6.47
C GLN B 158 5.79 -19.49 -5.92
N LEU B 159 4.68 -19.98 -5.37
CA LEU B 159 4.62 -21.32 -4.81
C LEU B 159 4.40 -22.35 -5.91
N GLN B 160 4.91 -23.56 -5.67
CA GLN B 160 4.73 -24.66 -6.60
C GLN B 160 3.28 -25.14 -6.56
N GLU B 161 2.92 -26.05 -7.46
CA GLU B 161 1.55 -26.58 -7.53
C GLU B 161 1.13 -27.30 -6.25
N LYS B 162 2.05 -28.09 -5.69
CA LYS B 162 1.81 -28.73 -4.40
C LYS B 162 3.06 -28.59 -3.56
N ALA B 163 2.90 -28.57 -2.23
CA ALA B 163 4.03 -28.34 -1.33
C ALA B 163 3.82 -28.87 0.08
N LEU B 164 4.89 -29.47 0.63
CA LEU B 164 4.95 -29.86 2.03
C LEU B 164 5.88 -28.90 2.79
N PHE B 165 5.41 -28.37 3.92
CA PHE B 165 6.22 -27.46 4.70
C PHE B 165 6.66 -28.10 5.99
N ALA B 166 7.62 -27.47 6.66
CA ALA B 166 8.09 -27.93 7.94
C ALA B 166 7.99 -26.80 8.95
N VAL B 167 6.84 -26.70 9.60
CA VAL B 167 6.63 -25.67 10.61
C VAL B 167 7.30 -26.03 11.94
N PRO B 168 8.30 -25.22 12.34
CA PRO B 168 8.91 -25.46 13.65
C PRO B 168 7.81 -25.60 14.69
N LYS B 169 7.92 -26.62 15.54
CA LYS B 169 6.86 -26.98 16.49
C LYS B 169 6.20 -25.78 17.19
N ASN B 170 6.99 -24.75 17.47
CA ASN B 170 6.52 -23.58 18.22
C ASN B 170 5.70 -22.58 17.40
N TYR B 171 5.66 -22.77 16.08
CA TYR B 171 4.93 -21.88 15.20
C TYR B 171 3.66 -22.50 14.63
N LYS B 172 2.77 -21.65 14.12
CA LYS B 172 1.54 -22.07 13.46
C LYS B 172 1.43 -21.43 12.09
N LEU B 173 1.45 -22.25 11.04
CA LEU B 173 1.33 -21.75 9.68
C LEU B 173 -0.13 -21.52 9.31
N VAL B 174 -0.55 -20.26 9.31
CA VAL B 174 -1.92 -19.90 8.95
C VAL B 174 -1.98 -19.23 7.60
N ALA B 175 -3.14 -19.30 6.97
CA ALA B 175 -3.34 -18.66 5.67
C ALA B 175 -4.33 -17.50 5.81
N ALA B 176 -3.82 -16.28 5.74
CA ALA B 176 -4.64 -15.10 5.96
C ALA B 176 -5.24 -14.57 4.67
N PRO B 177 -6.58 -14.51 4.61
CA PRO B 177 -7.29 -13.97 3.45
C PRO B 177 -7.12 -12.47 3.46
N LEU B 178 -7.12 -11.82 2.31
CA LEU B 178 -6.80 -10.39 2.24
C LEU B 178 -7.54 -9.49 3.24
N PHE B 179 -8.86 -9.57 3.26
CA PHE B 179 -9.66 -8.67 4.11
C PHE B 179 -9.32 -8.76 5.59
N GLU B 180 -8.62 -9.80 6.01
CA GLU B 180 -8.18 -9.88 7.41
C GLU B 180 -7.05 -8.88 7.67
N LEU B 181 -6.21 -8.69 6.66
CA LEU B 181 -5.04 -7.82 6.76
C LEU B 181 -5.36 -6.35 6.47
N TYR B 182 -6.14 -6.13 5.42
CA TYR B 182 -6.45 -4.77 4.97
C TYR B 182 -6.93 -3.88 6.10
N ASP B 183 -6.31 -2.70 6.20
CA ASP B 183 -6.66 -1.69 7.20
C ASP B 183 -6.66 -2.24 8.62
N ASN B 184 -5.86 -3.27 8.85
CA ASN B 184 -5.79 -3.89 10.15
C ASN B 184 -4.36 -3.97 10.65
N ALA B 185 -3.74 -2.81 10.80
CA ALA B 185 -2.38 -2.77 11.30
C ALA B 185 -2.30 -3.21 12.78
N PRO B 186 -3.27 -2.78 13.61
CA PRO B 186 -3.30 -3.25 15.00
C PRO B 186 -3.12 -4.76 15.12
N GLY B 187 -3.61 -5.48 14.11
CA GLY B 187 -3.54 -6.94 14.12
C GLY B 187 -2.25 -7.51 13.58
N TYR B 188 -1.74 -6.94 12.48
CA TYR B 188 -0.61 -7.56 11.77
C TYR B 188 0.59 -6.65 11.51
N GLY B 189 0.47 -5.37 11.82
CA GLY B 189 1.54 -4.43 11.57
C GLY B 189 1.40 -3.73 10.23
N PRO B 190 2.15 -2.64 10.05
CA PRO B 190 2.05 -1.75 8.88
C PRO B 190 2.55 -2.42 7.60
N ILE B 191 3.51 -3.34 7.73
CA ILE B 191 4.00 -4.04 6.55
C ILE B 191 3.04 -5.08 6.02
N ILE B 192 2.92 -6.19 6.74
CA ILE B 192 1.89 -7.20 6.45
C ILE B 192 0.53 -6.65 6.02
N SER B 193 -0.02 -5.74 6.83
CA SER B 193 -1.38 -5.27 6.60
C SER B 193 -1.48 -4.42 5.36
N SER B 194 -0.35 -4.07 4.76
CA SER B 194 -0.36 -3.27 3.55
C SER B 194 -0.15 -4.13 2.31
N LEU B 195 -0.31 -5.45 2.47
CA LEU B 195 -0.13 -6.36 1.36
C LEU B 195 -1.29 -6.41 0.38
N PRO B 196 -2.52 -6.31 0.88
CA PRO B 196 -3.65 -6.37 -0.05
C PRO B 196 -3.48 -5.39 -1.20
N GLN B 197 -3.07 -4.17 -0.86
CA GLN B 197 -2.82 -3.13 -1.85
C GLN B 197 -1.63 -3.55 -2.69
N LEU B 198 -0.57 -3.93 -1.99
CA LEU B 198 0.68 -4.30 -2.63
C LEU B 198 0.54 -5.49 -3.55
N LEU B 199 -0.59 -6.18 -3.48
CA LEU B 199 -0.81 -7.36 -4.29
C LEU B 199 -1.78 -7.09 -5.42
N SER B 200 -2.56 -6.02 -5.27
CA SER B 200 -3.63 -5.71 -6.20
C SER B 200 -3.19 -5.54 -7.66
N ARG B 201 -1.93 -5.17 -7.87
CA ARG B 201 -1.45 -4.97 -9.24
C ARG B 201 -1.34 -6.30 -10.01
N PHE B 202 -1.16 -7.38 -9.27
CA PHE B 202 -1.01 -8.67 -9.88
C PHE B 202 -2.31 -9.20 -10.44
N ASN B 203 -2.25 -9.75 -11.64
CA ASN B 203 -3.38 -10.44 -12.22
C ASN B 203 -3.32 -11.91 -11.83
N PHE B 204 -4.09 -12.28 -10.81
CA PHE B 204 -4.02 -13.61 -10.22
C PHE B 204 -4.87 -14.64 -10.93
N ILE B 205 -4.35 -15.86 -11.01
CA ILE B 205 -5.06 -17.00 -11.60
C ILE B 205 -5.43 -17.98 -10.51
N TYR B 206 -6.69 -18.41 -10.49
CA TYR B 206 -7.19 -19.26 -9.42
C TYR B 206 -7.33 -20.60 -10.08
N ASN B 207 -6.28 -21.42 -9.98
CA ASN B 207 -6.29 -22.79 -10.44
C ASN B 207 -6.99 -23.76 -9.48
N ILE C 69 24.67 18.53 29.93
CA ILE C 69 25.84 18.36 29.09
C ILE C 69 25.46 18.28 27.61
N ALA C 70 24.19 18.56 27.32
CA ALA C 70 23.66 18.46 25.96
C ALA C 70 22.74 19.63 25.64
N LEU C 71 22.47 19.84 24.34
CA LEU C 71 21.67 20.99 23.91
C LEU C 71 20.53 20.65 22.96
N TYR C 72 19.78 21.66 22.54
CA TYR C 72 18.79 21.54 21.49
C TYR C 72 19.19 22.40 20.30
N ILE C 73 18.95 21.89 19.10
CA ILE C 73 19.20 22.66 17.88
C ILE C 73 17.98 22.66 16.96
N GLY C 74 17.39 23.83 16.76
CA GLY C 74 16.13 23.92 16.05
C GLY C 74 16.08 24.94 14.92
N ASN C 75 14.87 25.25 14.47
CA ASN C 75 14.68 26.06 13.27
C ASN C 75 15.47 25.43 12.13
N LEU C 76 15.48 24.10 12.11
CA LEU C 76 16.10 23.36 11.03
C LEU C 76 14.99 22.93 10.10
N THR C 77 15.30 22.90 8.80
CA THR C 77 14.36 22.39 7.82
C THR C 77 14.13 20.90 8.12
N TRP C 78 13.06 20.34 7.56
CA TRP C 78 12.79 18.93 7.77
C TRP C 78 13.69 18.06 6.87
N TRP C 79 14.58 18.72 6.15
CA TRP C 79 15.51 18.01 5.29
C TRP C 79 16.97 18.15 5.71
N THR C 80 17.22 18.86 6.81
CA THR C 80 18.58 18.99 7.31
C THR C 80 19.00 17.69 7.94
N THR C 81 20.07 17.10 7.42
CA THR C 81 20.39 15.72 7.73
C THR C 81 21.49 15.59 8.77
N ASP C 82 21.33 14.63 9.66
CA ASP C 82 22.34 14.36 10.67
C ASP C 82 23.75 14.60 10.15
N GLU C 83 24.01 14.12 8.93
CA GLU C 83 25.36 14.21 8.36
C GLU C 83 25.75 15.65 8.14
N ASP C 84 24.92 16.39 7.42
CA ASP C 84 25.28 17.76 7.07
C ASP C 84 25.19 18.66 8.31
N LEU C 85 24.32 18.31 9.23
CA LEU C 85 24.28 19.03 10.49
C LEU C 85 25.63 18.87 11.18
N THR C 86 26.27 17.73 10.94
CA THR C 86 27.57 17.46 11.52
C THR C 86 28.65 18.27 10.81
N GLU C 87 28.49 18.44 9.51
CA GLU C 87 29.45 19.22 8.72
C GLU C 87 29.59 20.61 9.34
N ALA C 88 28.46 21.22 9.63
CA ALA C 88 28.45 22.55 10.22
C ALA C 88 29.29 22.54 11.50
N VAL C 89 29.00 21.60 12.40
CA VAL C 89 29.66 21.52 13.70
C VAL C 89 31.18 21.34 13.62
N HIS C 90 31.62 20.21 13.07
CA HIS C 90 33.05 19.96 12.94
C HIS C 90 33.74 21.27 12.57
N SER C 91 33.14 21.99 11.62
CA SER C 91 33.73 23.20 11.06
C SER C 91 33.56 24.42 11.98
N LEU C 92 33.68 24.16 13.27
CA LEU C 92 33.74 25.20 14.27
C LEU C 92 34.96 24.93 15.13
N GLY C 93 35.41 23.68 15.11
CA GLY C 93 36.51 23.23 15.94
C GLY C 93 36.00 22.19 16.91
N VAL C 94 34.69 21.97 16.88
CA VAL C 94 34.06 20.98 17.73
C VAL C 94 34.07 19.60 17.08
N ASN C 95 34.83 18.68 17.65
CA ASN C 95 34.99 17.35 17.06
C ASN C 95 34.50 16.21 17.96
N ASP C 96 33.78 16.55 19.01
CA ASP C 96 33.22 15.53 19.90
C ASP C 96 31.70 15.47 19.85
N ILE C 97 31.16 14.99 18.73
CA ILE C 97 29.72 14.88 18.56
C ILE C 97 29.19 13.59 19.15
N LEU C 98 28.63 13.68 20.36
CA LEU C 98 28.07 12.53 21.05
C LEU C 98 26.61 12.31 20.66
N GLU C 99 26.35 11.25 19.90
CA GLU C 99 25.03 10.98 19.31
C GLU C 99 24.41 12.18 18.58
N ILE C 100 23.38 11.90 17.79
CA ILE C 100 22.72 12.94 17.02
C ILE C 100 21.23 12.63 16.90
N LYS C 101 20.47 13.01 17.92
CA LYS C 101 19.08 12.59 18.00
C LYS C 101 18.10 13.59 17.42
N PHE C 102 17.51 13.25 16.28
CA PHE C 102 16.46 14.05 15.67
C PHE C 102 15.10 13.75 16.30
N PHE C 103 14.24 14.77 16.33
CA PHE C 103 12.89 14.58 16.83
C PHE C 103 11.98 14.45 15.63
N GLU C 104 11.02 13.53 15.70
CA GLU C 104 10.26 13.17 14.51
C GLU C 104 8.86 12.64 14.82
N ASN C 105 7.96 12.79 13.85
CA ASN C 105 6.60 12.31 13.98
C ASN C 105 6.61 10.83 13.72
N ARG C 106 6.20 10.03 14.71
CA ARG C 106 6.15 8.60 14.49
C ARG C 106 5.31 8.29 13.27
N ALA C 107 4.14 8.93 13.19
CA ALA C 107 3.22 8.64 12.10
C ALA C 107 3.95 8.49 10.77
N ASN C 108 4.74 9.50 10.40
CA ASN C 108 5.36 9.50 9.09
C ASN C 108 6.88 9.66 9.09
N GLY C 109 7.47 9.69 10.28
CA GLY C 109 8.92 9.80 10.42
C GLY C 109 9.56 11.10 9.96
N GLN C 110 8.77 12.15 9.80
CA GLN C 110 9.31 13.41 9.31
C GLN C 110 10.04 14.18 10.40
N SER C 111 11.16 14.78 10.05
CA SER C 111 11.93 15.57 11.00
C SER C 111 11.04 16.65 11.59
N LYS C 112 11.02 16.71 12.92
CA LYS C 112 10.22 17.71 13.63
C LYS C 112 10.87 19.08 13.55
N GLY C 113 12.07 19.16 13.00
CA GLY C 113 12.73 20.43 12.83
C GLY C 113 13.85 20.69 13.82
N PHE C 114 13.93 19.85 14.85
CA PHE C 114 14.96 20.02 15.87
C PHE C 114 15.53 18.69 16.35
N ALA C 115 16.83 18.68 16.56
CA ALA C 115 17.52 17.49 17.04
C ALA C 115 18.16 17.74 18.39
N LEU C 116 18.07 16.75 19.27
CA LEU C 116 18.81 16.80 20.52
C LEU C 116 20.25 16.41 20.26
N VAL C 117 21.17 17.28 20.65
CA VAL C 117 22.58 17.07 20.35
C VAL C 117 23.42 16.95 21.62
N GLY C 118 24.29 15.95 21.65
CA GLY C 118 25.14 15.72 22.80
C GLY C 118 26.61 16.10 22.57
N VAL C 119 27.31 16.41 23.65
CA VAL C 119 28.71 16.79 23.56
C VAL C 119 29.42 16.62 24.90
N GLY C 120 30.54 15.90 24.88
CA GLY C 120 31.33 15.66 26.07
C GLY C 120 32.07 16.91 26.55
N SER C 121 32.54 17.70 25.58
CA SER C 121 33.17 18.98 25.89
C SER C 121 32.10 20.01 26.24
N GLU C 122 32.17 20.51 27.47
CA GLU C 122 31.19 21.48 27.96
C GLU C 122 31.64 22.91 27.66
N ALA C 123 32.71 23.03 26.87
CA ALA C 123 33.22 24.33 26.44
C ALA C 123 32.66 24.65 25.06
N SER C 124 32.84 23.70 24.15
CA SER C 124 32.36 23.82 22.77
C SER C 124 30.88 24.14 22.72
N SER C 125 30.13 23.70 23.72
CA SER C 125 28.70 24.01 23.82
C SER C 125 28.47 25.52 23.75
N LYS C 126 29.41 26.28 24.31
CA LYS C 126 29.39 27.74 24.17
C LYS C 126 29.84 28.08 22.75
N LYS C 127 30.83 27.35 22.26
CA LYS C 127 31.34 27.57 20.91
C LYS C 127 30.24 27.33 19.86
N LEU C 128 29.12 26.76 20.29
CA LEU C 128 27.97 26.54 19.43
C LEU C 128 26.89 27.55 19.75
N MET C 129 26.57 27.66 21.03
CA MET C 129 25.58 28.59 21.51
C MET C 129 25.75 29.97 20.88
N ASP C 130 27.01 30.36 20.67
CA ASP C 130 27.31 31.69 20.18
C ASP C 130 27.56 31.69 18.68
N LEU C 131 28.20 30.63 18.20
CA LEU C 131 28.69 30.58 16.82
C LEU C 131 27.73 29.95 15.81
N LEU C 132 26.87 29.05 16.27
CA LEU C 132 26.03 28.29 15.34
C LEU C 132 24.98 29.16 14.65
N PRO C 133 24.17 29.88 15.42
CA PRO C 133 23.38 30.89 14.73
C PRO C 133 24.36 31.79 13.98
N LYS C 134 23.88 32.52 12.97
CA LYS C 134 24.75 33.33 12.13
C LYS C 134 25.57 32.47 11.16
N ARG C 135 25.30 31.18 11.19
CA ARG C 135 25.63 30.28 10.09
C ARG C 135 24.28 29.86 9.52
N GLU C 136 24.22 29.59 8.22
CA GLU C 136 22.96 29.14 7.64
C GLU C 136 23.00 27.72 7.08
N LEU C 137 22.23 26.83 7.70
CA LEU C 137 21.97 25.50 7.17
C LEU C 137 20.69 25.56 6.33
N HIS C 138 20.84 25.40 5.02
CA HIS C 138 19.73 25.57 4.10
C HIS C 138 18.90 26.82 4.41
N GLY C 139 19.54 27.99 4.31
CA GLY C 139 18.86 29.27 4.42
C GLY C 139 18.12 29.52 5.73
N GLN C 140 18.32 28.65 6.71
CA GLN C 140 17.70 28.84 8.01
C GLN C 140 18.76 29.05 9.09
N ASN C 141 18.47 29.92 10.05
CA ASN C 141 19.37 30.16 11.17
C ASN C 141 19.15 29.17 12.30
N PRO C 142 20.19 28.37 12.64
CA PRO C 142 20.11 27.41 13.73
C PRO C 142 19.69 28.11 15.02
N VAL C 143 19.31 27.33 16.03
CA VAL C 143 18.87 27.89 17.29
C VAL C 143 19.31 26.98 18.45
N VAL C 144 20.61 26.96 18.70
CA VAL C 144 21.16 26.20 19.81
C VAL C 144 20.66 26.75 21.16
N THR C 145 19.98 25.89 21.92
CA THR C 145 19.46 26.31 23.23
C THR C 145 19.56 25.16 24.24
N PRO C 146 20.03 25.47 25.45
CA PRO C 146 20.25 24.43 26.46
C PRO C 146 19.00 23.57 26.63
N VAL C 147 19.18 22.31 27.01
CA VAL C 147 18.05 21.41 27.18
C VAL C 147 17.14 21.85 28.32
N ASN C 148 15.83 21.81 28.07
CA ASN C 148 14.84 22.27 29.05
C ASN C 148 13.43 22.02 28.55
N LYS C 149 12.52 21.68 29.47
CA LYS C 149 11.16 21.32 29.09
C LYS C 149 10.38 22.48 28.44
N GLN C 150 10.82 23.71 28.69
CA GLN C 150 10.16 24.88 28.09
C GLN C 150 10.83 25.28 26.78
N PHE C 151 11.93 24.61 26.45
CA PHE C 151 12.48 24.64 25.11
C PHE C 151 11.90 23.46 24.37
N LEU C 152 11.90 22.32 25.03
CA LEU C 152 11.19 21.16 24.53
C LEU C 152 9.85 21.69 24.02
N SER C 153 9.07 22.27 24.92
CA SER C 153 7.74 22.79 24.57
C SER C 153 7.82 23.93 23.56
N GLN C 154 8.99 24.54 23.45
CA GLN C 154 9.18 25.65 22.52
C GLN C 154 9.27 25.17 21.08
N PHE C 155 10.00 24.08 20.88
CA PHE C 155 10.20 23.51 19.55
C PHE C 155 9.00 22.68 19.08
N GLU C 156 8.46 21.86 19.97
CA GLU C 156 7.29 21.04 19.66
C GLU C 156 6.15 21.89 19.11
N MET C 157 5.99 23.09 19.64
CA MET C 157 4.97 24.00 19.17
C MET C 157 5.33 24.58 17.81
N GLN C 158 6.63 24.73 17.55
CA GLN C 158 7.08 25.32 16.30
C GLN C 158 6.89 24.37 15.11
N SER C 159 6.93 23.07 15.39
CA SER C 159 6.75 22.05 14.34
C SER C 159 5.30 21.98 13.84
N ARG C 160 4.50 22.93 14.29
CA ARG C 160 3.08 22.98 13.91
C ARG C 160 2.79 24.13 12.96
N LYS C 161 3.47 24.11 11.81
CA LYS C 161 3.31 25.14 10.79
C LYS C 161 2.82 24.51 9.48
N ILE D 69 -41.63 -5.23 -2.53
CA ILE D 69 -41.40 -6.36 -1.65
C ILE D 69 -39.91 -6.57 -1.41
N ALA D 70 -39.54 -7.02 -0.21
CA ALA D 70 -38.14 -7.24 0.15
C ALA D 70 -38.02 -8.15 1.38
N LEU D 71 -36.91 -8.88 1.46
CA LEU D 71 -36.71 -9.81 2.57
C LEU D 71 -35.34 -9.71 3.21
N TYR D 72 -35.00 -10.74 3.99
CA TYR D 72 -33.69 -10.86 4.61
C TYR D 72 -33.25 -12.32 4.58
N ILE D 73 -32.39 -12.64 3.61
CA ILE D 73 -31.77 -13.95 3.59
C ILE D 73 -30.44 -13.87 4.30
N GLY D 74 -30.19 -14.82 5.19
CA GLY D 74 -28.97 -14.81 5.98
C GLY D 74 -28.54 -16.20 6.41
N ASN D 75 -27.66 -16.25 7.41
CA ASN D 75 -27.08 -17.50 7.88
C ASN D 75 -26.41 -18.27 6.75
N LEU D 76 -25.70 -17.53 5.90
CA LEU D 76 -24.93 -18.10 4.80
C LEU D 76 -23.46 -17.68 4.91
N THR D 77 -22.58 -18.41 4.23
CA THR D 77 -21.13 -18.16 4.34
C THR D 77 -20.74 -16.84 3.68
N TRP D 78 -19.58 -16.32 4.08
CA TRP D 78 -19.11 -15.03 3.59
C TRP D 78 -18.56 -15.09 2.18
N TRP D 79 -18.62 -16.25 1.55
CA TRP D 79 -18.18 -16.37 0.17
C TRP D 79 -19.34 -16.70 -0.77
N THR D 80 -20.54 -16.75 -0.22
CA THR D 80 -21.73 -17.01 -1.02
C THR D 80 -22.01 -15.79 -1.89
N THR D 81 -21.62 -15.89 -3.15
CA THR D 81 -21.76 -14.79 -4.10
C THR D 81 -23.24 -14.43 -4.30
N ASP D 82 -23.50 -13.47 -5.17
CA ASP D 82 -24.88 -13.11 -5.45
C ASP D 82 -25.46 -14.05 -6.52
N GLU D 83 -24.73 -14.22 -7.61
CA GLU D 83 -25.16 -15.12 -8.67
C GLU D 83 -25.58 -16.47 -8.09
N ASP D 84 -24.69 -17.08 -7.31
CA ASP D 84 -24.96 -18.42 -6.81
C ASP D 84 -26.07 -18.41 -5.77
N LEU D 85 -26.55 -17.22 -5.44
CA LEU D 85 -27.76 -17.11 -4.63
C LEU D 85 -28.95 -17.12 -5.57
N THR D 86 -28.87 -16.29 -6.61
CA THR D 86 -29.88 -16.28 -7.65
C THR D 86 -30.16 -17.70 -8.15
N GLU D 87 -29.10 -18.50 -8.30
CA GLU D 87 -29.25 -19.85 -8.81
C GLU D 87 -29.97 -20.78 -7.82
N ALA D 88 -30.11 -20.34 -6.58
CA ALA D 88 -30.79 -21.14 -5.57
C ALA D 88 -32.29 -20.97 -5.66
N VAL D 89 -32.72 -19.75 -5.98
CA VAL D 89 -34.13 -19.43 -6.17
C VAL D 89 -34.59 -19.89 -7.56
N HIS D 90 -33.68 -19.87 -8.52
CA HIS D 90 -33.97 -20.40 -9.85
C HIS D 90 -34.17 -21.91 -9.77
N SER D 91 -33.98 -22.47 -8.57
CA SER D 91 -34.27 -23.88 -8.34
C SER D 91 -35.71 -24.03 -7.87
N LEU D 92 -36.16 -23.04 -7.09
CA LEU D 92 -37.55 -22.94 -6.70
C LEU D 92 -38.34 -22.34 -7.86
N GLY D 93 -37.62 -21.94 -8.90
CA GLY D 93 -38.22 -21.37 -10.10
C GLY D 93 -39.00 -20.09 -9.84
N VAL D 94 -38.32 -19.03 -9.46
CA VAL D 94 -38.96 -17.74 -9.25
C VAL D 94 -38.55 -16.70 -10.32
N ASN D 95 -37.28 -16.34 -10.34
CA ASN D 95 -36.76 -15.43 -11.35
C ASN D 95 -37.17 -13.97 -11.18
N ASP D 96 -37.79 -13.67 -10.03
CA ASP D 96 -38.32 -12.33 -9.75
C ASP D 96 -37.31 -11.36 -9.18
N ILE D 97 -36.29 -11.89 -8.52
CA ILE D 97 -35.29 -11.05 -7.87
C ILE D 97 -35.03 -9.78 -8.70
N LEU D 98 -35.27 -8.64 -8.08
CA LEU D 98 -35.08 -7.34 -8.73
C LEU D 98 -33.73 -6.76 -8.37
N GLU D 99 -33.46 -6.72 -7.07
CA GLU D 99 -32.17 -6.22 -6.58
C GLU D 99 -31.64 -7.16 -5.52
N ILE D 100 -30.34 -7.07 -5.24
CA ILE D 100 -29.75 -7.80 -4.13
C ILE D 100 -28.56 -7.02 -3.60
N LYS D 101 -28.79 -6.32 -2.50
CA LYS D 101 -27.71 -5.68 -1.75
C LYS D 101 -27.29 -6.64 -0.65
N PHE D 102 -26.00 -6.68 -0.35
CA PHE D 102 -25.50 -7.47 0.75
C PHE D 102 -25.11 -6.55 1.90
N PHE D 103 -25.05 -7.12 3.11
CA PHE D 103 -24.52 -6.39 4.24
C PHE D 103 -23.09 -6.83 4.51
N GLU D 104 -22.20 -5.84 4.62
CA GLU D 104 -20.77 -6.10 4.65
C GLU D 104 -20.09 -5.19 5.66
N ASN D 105 -18.84 -5.49 5.97
CA ASN D 105 -18.04 -4.63 6.86
C ASN D 105 -17.41 -3.49 6.06
N ARG D 106 -17.84 -2.26 6.32
CA ARG D 106 -17.26 -1.13 5.61
C ARG D 106 -15.74 -1.22 5.63
N ALA D 107 -15.19 -1.51 6.81
CA ALA D 107 -13.73 -1.54 7.00
C ALA D 107 -12.98 -2.36 5.96
N ASN D 108 -13.52 -3.52 5.59
CA ASN D 108 -12.78 -4.44 4.72
C ASN D 108 -13.61 -5.05 3.59
N GLY D 109 -14.91 -4.76 3.57
CA GLY D 109 -15.76 -5.24 2.50
C GLY D 109 -16.24 -6.67 2.65
N GLN D 110 -15.89 -7.30 3.78
CA GLN D 110 -16.30 -8.68 4.00
C GLN D 110 -17.80 -8.79 4.29
N SER D 111 -18.38 -9.93 3.92
CA SER D 111 -19.81 -10.13 4.06
C SER D 111 -20.21 -10.49 5.48
N LYS D 112 -21.23 -9.81 5.98
CA LYS D 112 -21.75 -10.06 7.32
C LYS D 112 -22.54 -11.38 7.34
N GLY D 113 -22.79 -11.92 6.16
CA GLY D 113 -23.41 -13.22 6.01
C GLY D 113 -24.92 -13.16 5.88
N PHE D 114 -25.43 -12.10 5.26
CA PHE D 114 -26.87 -11.94 5.09
C PHE D 114 -27.15 -10.74 4.20
N ALA D 115 -28.23 -10.80 3.44
CA ALA D 115 -28.52 -9.75 2.49
C ALA D 115 -29.98 -9.35 2.47
N LEU D 116 -30.24 -8.07 2.23
CA LEU D 116 -31.56 -7.63 1.87
C LEU D 116 -31.71 -7.82 0.38
N VAL D 117 -32.63 -8.68 -0.01
CA VAL D 117 -32.84 -8.98 -1.41
C VAL D 117 -34.15 -8.37 -1.92
N GLY D 118 -34.08 -7.62 -3.01
CA GLY D 118 -35.26 -7.04 -3.62
C GLY D 118 -35.93 -7.97 -4.62
N VAL D 119 -37.21 -8.23 -4.39
CA VAL D 119 -38.03 -9.03 -5.30
C VAL D 119 -39.25 -8.21 -5.75
N GLY D 120 -39.81 -8.54 -6.91
CA GLY D 120 -40.92 -7.78 -7.47
C GLY D 120 -42.28 -8.45 -7.47
N SER D 121 -42.34 -9.67 -6.92
CA SER D 121 -43.58 -10.44 -6.88
C SER D 121 -43.97 -10.82 -5.45
N GLU D 122 -45.15 -10.37 -5.02
CA GLU D 122 -45.63 -10.65 -3.68
C GLU D 122 -45.83 -12.15 -3.50
N ALA D 123 -46.33 -12.80 -4.55
CA ALA D 123 -46.65 -14.23 -4.48
C ALA D 123 -45.42 -15.07 -4.13
N SER D 124 -44.44 -15.07 -5.02
CA SER D 124 -43.24 -15.89 -4.85
C SER D 124 -42.61 -15.67 -3.47
N SER D 125 -42.74 -14.46 -2.95
CA SER D 125 -42.22 -14.14 -1.63
C SER D 125 -42.55 -15.25 -0.64
N LYS D 126 -43.70 -15.89 -0.83
CA LYS D 126 -44.09 -17.03 0.00
C LYS D 126 -43.08 -18.17 -0.18
N LYS D 127 -42.81 -18.52 -1.44
CA LYS D 127 -41.84 -19.57 -1.77
C LYS D 127 -40.52 -19.39 -1.03
N LEU D 128 -40.04 -18.16 -0.97
CA LEU D 128 -38.80 -17.85 -0.27
C LEU D 128 -38.96 -18.04 1.23
N MET D 129 -39.89 -17.29 1.81
CA MET D 129 -40.20 -17.39 3.23
C MET D 129 -40.40 -18.83 3.66
N ASP D 130 -41.11 -19.58 2.81
CA ASP D 130 -41.50 -20.97 3.13
C ASP D 130 -40.40 -22.01 2.90
N LEU D 131 -39.79 -21.97 1.71
CA LEU D 131 -39.08 -23.13 1.20
C LEU D 131 -37.58 -23.21 1.45
N LEU D 132 -36.81 -22.35 0.79
CA LEU D 132 -35.35 -22.52 0.74
C LEU D 132 -34.63 -22.59 2.09
N PRO D 133 -35.27 -22.13 3.17
CA PRO D 133 -34.68 -22.46 4.47
C PRO D 133 -34.72 -23.96 4.70
N LYS D 134 -34.48 -24.72 3.64
CA LYS D 134 -34.41 -26.17 3.70
C LYS D 134 -33.33 -26.66 2.74
N ARG D 135 -32.91 -25.76 1.85
CA ARG D 135 -31.82 -26.03 0.92
C ARG D 135 -30.48 -25.79 1.62
N GLU D 136 -29.47 -26.58 1.25
CA GLU D 136 -28.14 -26.49 1.83
C GLU D 136 -27.20 -25.73 0.90
N LEU D 137 -27.12 -24.41 1.05
CA LEU D 137 -26.39 -23.55 0.12
C LEU D 137 -24.91 -23.92 -0.03
N HIS D 138 -24.11 -23.63 1.00
CA HIS D 138 -22.75 -24.14 1.03
C HIS D 138 -22.62 -25.02 2.28
N GLY D 139 -23.77 -25.33 2.87
CA GLY D 139 -23.84 -26.16 4.05
C GLY D 139 -24.79 -25.52 5.03
N GLN D 140 -25.23 -24.31 4.69
CA GLN D 140 -26.07 -23.51 5.59
C GLN D 140 -27.53 -23.51 5.15
N ASN D 141 -28.44 -23.46 6.11
CA ASN D 141 -29.85 -23.31 5.82
C ASN D 141 -30.21 -21.83 5.84
N PRO D 142 -30.41 -21.25 4.65
CA PRO D 142 -30.80 -19.83 4.56
C PRO D 142 -31.86 -19.48 5.60
N VAL D 143 -31.68 -18.36 6.27
CA VAL D 143 -32.66 -17.92 7.25
C VAL D 143 -33.46 -16.74 6.69
N VAL D 144 -34.58 -17.05 6.08
CA VAL D 144 -35.40 -16.02 5.44
C VAL D 144 -36.40 -15.42 6.43
N THR D 145 -36.43 -14.09 6.44
CA THR D 145 -37.38 -13.36 7.28
C THR D 145 -37.82 -12.12 6.53
N PRO D 146 -38.88 -11.46 7.00
CA PRO D 146 -39.25 -10.17 6.45
C PRO D 146 -38.31 -9.06 6.92
N VAL D 147 -38.42 -7.89 6.32
CA VAL D 147 -37.50 -6.79 6.57
C VAL D 147 -37.93 -5.92 7.76
N ASN D 148 -37.43 -6.26 8.95
CA ASN D 148 -37.81 -5.54 10.16
C ASN D 148 -36.61 -5.22 11.04
N LYS D 149 -36.61 -4.01 11.60
CA LYS D 149 -35.51 -3.53 12.42
C LYS D 149 -35.13 -4.51 13.54
N GLN D 150 -36.09 -5.31 13.99
CA GLN D 150 -35.86 -6.24 15.08
C GLN D 150 -35.31 -7.56 14.55
N PHE D 151 -35.58 -7.82 13.28
CA PHE D 151 -34.99 -8.96 12.58
C PHE D 151 -33.53 -8.68 12.24
N LEU D 152 -33.26 -7.50 11.70
CA LEU D 152 -31.90 -7.11 11.31
C LEU D 152 -30.89 -7.37 12.43
N SER D 153 -31.25 -6.96 13.65
CA SER D 153 -30.35 -7.06 14.80
C SER D 153 -29.86 -8.48 15.10
N GLN D 154 -30.73 -9.46 14.90
CA GLN D 154 -30.36 -10.85 15.16
C GLN D 154 -29.33 -11.31 14.12
N PHE D 155 -29.41 -10.73 12.92
CA PHE D 155 -28.49 -11.07 11.85
C PHE D 155 -27.10 -10.44 12.07
N GLU D 156 -27.07 -9.18 12.49
CA GLU D 156 -25.81 -8.52 12.81
C GLU D 156 -25.24 -9.03 14.12
N MET D 157 -26.07 -9.73 14.89
CA MET D 157 -25.61 -10.38 16.11
C MET D 157 -24.77 -11.59 15.73
N GLN D 158 -24.96 -12.05 14.48
CA GLN D 158 -24.25 -13.21 13.96
C GLN D 158 -22.83 -12.87 13.51
N SER D 159 -22.59 -11.60 13.20
CA SER D 159 -21.23 -11.13 12.91
C SER D 159 -20.35 -11.41 14.11
N ARG D 160 -20.87 -11.10 15.30
CA ARG D 160 -20.18 -11.36 16.55
C ARG D 160 -20.14 -12.87 16.86
#